data_3SPT
#
_entry.id   3SPT
#
_cell.length_a   110.194
_cell.length_b   110.194
_cell.length_c   361.295
_cell.angle_alpha   90.00
_cell.angle_beta   90.00
_cell.angle_gamma   120.00
#
_symmetry.space_group_name_H-M   'H 3 2'
#
loop_
_entity.id
_entity.type
_entity.pdbx_description
1 polymer 'Bifunctional protein glmU'
2 non-polymer 'MAGNESIUM ION'
3 non-polymer 'ACETYL COENZYME *A'
4 non-polymer URIDINE-DIPHOSPHATE-N-ACETYLGLUCOSAMINE
5 water water
#
_entity_poly.entity_id   1
_entity_poly.type   'polypeptide(L)'
_entity_poly.pdbx_seq_one_letter_code
;HHHHHHMTFPGDTAVLVLAAGPGTRMRSDTPKVLHTLAGRSMLSHVLHAIAKLAPQRLIVVLGHDHQRIAPLVGELADTL
GRTIDVALQDRPLGTGHAVLCGLSALPDDYAGNVVVTSGDTPLLDADTLADLIATHRAVSAAVTVLTTTLDDPFGYGRIL
RTQDHEVMAIVEQTDATPSQREIREVNAGVYAFDIAALRSALSRLSSNNAQQELYLTDVIAILRSDGQTVHASHVDDSAL
VAGVNNRVQLAELASELNRRVVAAHQLAGVTVVDPATTWIDVDVTIGRDTVIHPGTQLLGRTQIGGRCVVGPDTTLTDVA
VGDGASVVRTHGSSSSIGDGAAVGPFTYLRPGTALGADGKLGAFVEVKNSTIGTGTKVPHLTYVGDADIGEYSNIGASSV
FVNYDGTSKRRTTVGSHVRTGSDTMFVAPVTIGDGAYTGAGTVVREDVPPGALAVSAGPQRNIENWVQRKRPGSPAAQAS
KRASEMACQQPTQPPDADQTP
;
_entity_poly.pdbx_strand_id   A
#
# COMPACT_ATOMS: atom_id res chain seq x y z
N ASP A 12 9.86 -22.52 -23.93
CA ASP A 12 9.71 -21.03 -24.12
C ASP A 12 8.24 -20.62 -24.11
N THR A 13 7.92 -19.47 -23.49
CA THR A 13 6.49 -19.03 -23.35
C THR A 13 6.38 -17.51 -23.37
N ALA A 14 5.32 -16.99 -23.99
CA ALA A 14 5.01 -15.53 -23.94
C ALA A 14 3.81 -15.31 -23.02
N VAL A 15 3.87 -14.34 -22.10
CA VAL A 15 2.72 -14.05 -21.24
C VAL A 15 2.07 -12.78 -21.72
N LEU A 16 0.78 -12.83 -22.00
CA LEU A 16 0.02 -11.61 -22.33
C LEU A 16 -0.91 -11.22 -21.19
N VAL A 17 -0.94 -9.94 -20.86
CA VAL A 17 -1.76 -9.49 -19.78
C VAL A 17 -2.76 -8.54 -20.39
N LEU A 18 -4.04 -8.87 -20.36
CA LEU A 18 -5.07 -8.00 -20.97
C LEU A 18 -5.48 -6.96 -19.96
N ALA A 19 -5.29 -5.68 -20.31
CA ALA A 19 -5.57 -4.63 -19.38
C ALA A 19 -6.15 -3.46 -20.15
N ALA A 20 -6.85 -3.72 -21.24
CA ALA A 20 -7.33 -2.62 -22.09
C ALA A 20 -8.87 -2.40 -22.02
N GLY A 21 -9.55 -3.05 -21.06
CA GLY A 21 -11.01 -2.97 -20.97
C GLY A 21 -11.37 -1.66 -20.35
N PRO A 22 -12.64 -1.24 -20.42
CA PRO A 22 -12.86 0.09 -19.85
C PRO A 22 -13.07 0.14 -18.30
N GLY A 23 -13.23 -1.00 -17.62
CA GLY A 23 -13.41 -0.93 -16.15
C GLY A 23 -14.62 -0.14 -15.66
N THR A 24 -15.68 -0.13 -16.47
CA THR A 24 -16.96 0.55 -16.17
C THR A 24 -17.47 0.32 -14.71
N ARG A 25 -17.56 -0.91 -14.29
CA ARG A 25 -18.15 -1.21 -12.98
C ARG A 25 -17.35 -0.65 -11.74
N MET A 26 -16.16 -0.13 -11.97
CA MET A 26 -15.37 0.53 -10.92
C MET A 26 -15.87 1.90 -10.59
N ARG A 27 -16.57 2.48 -11.57
CA ARG A 27 -17.02 3.85 -11.57
C ARG A 27 -15.99 4.81 -11.09
N SER A 28 -14.86 4.81 -11.76
CA SER A 28 -13.70 5.58 -11.34
C SER A 28 -13.12 6.36 -12.53
N ASP A 29 -12.49 7.51 -12.30
CA ASP A 29 -11.67 8.14 -13.34
C ASP A 29 -10.23 7.64 -13.25
N THR A 30 -10.01 6.60 -12.44
CA THR A 30 -8.68 6.05 -12.26
C THR A 30 -8.80 4.71 -12.89
N PRO A 31 -7.91 4.45 -13.86
CA PRO A 31 -8.07 3.24 -14.64
C PRO A 31 -8.03 2.05 -13.67
N LYS A 32 -8.91 1.07 -13.85
CA LYS A 32 -8.98 -0.08 -12.96
C LYS A 32 -7.60 -0.58 -12.56
N VAL A 33 -6.90 -1.17 -13.51
CA VAL A 33 -5.57 -1.75 -13.25
C VAL A 33 -4.77 -0.97 -12.21
N LEU A 34 -4.92 0.35 -12.20
CA LEU A 34 -4.14 1.20 -11.29
C LEU A 34 -4.65 1.27 -9.83
N HIS A 35 -5.76 0.60 -9.52
CA HIS A 35 -6.30 0.58 -8.17
C HIS A 35 -5.43 -0.37 -7.33
N THR A 36 -5.14 0.09 -6.10
CA THR A 36 -4.08 -0.48 -5.24
C THR A 36 -4.70 -1.39 -4.19
N LEU A 37 -4.01 -2.45 -3.79
CA LEU A 37 -4.21 -3.10 -2.48
C LEU A 37 -2.81 -3.45 -2.01
N ALA A 38 -2.59 -3.32 -0.68
CA ALA A 38 -1.37 -3.73 -0.02
C ALA A 38 -0.10 -3.07 -0.60
N GLY A 39 -0.23 -1.84 -1.08
CA GLY A 39 0.91 -1.04 -1.49
C GLY A 39 1.26 -1.10 -3.00
N ARG A 40 0.52 -1.94 -3.74
CA ARG A 40 0.76 -2.09 -5.21
C ARG A 40 -0.54 -2.00 -5.99
N SER A 41 -0.46 -1.42 -7.18
CA SER A 41 -1.55 -1.50 -8.13
C SER A 41 -1.82 -2.95 -8.56
N MET A 42 -3.07 -3.26 -8.93
CA MET A 42 -3.34 -4.64 -9.39
C MET A 42 -2.41 -5.02 -10.51
N LEU A 43 -2.20 -4.08 -11.45
CA LEU A 43 -1.30 -4.35 -12.58
C LEU A 43 0.09 -4.73 -12.04
N SER A 44 0.60 -3.93 -11.12
CA SER A 44 1.89 -4.22 -10.53
C SER A 44 2.01 -5.59 -9.86
N HIS A 45 1.00 -5.97 -9.06
CA HIS A 45 0.86 -7.32 -8.57
C HIS A 45 0.92 -8.41 -9.66
N VAL A 46 0.07 -8.27 -10.67
CA VAL A 46 0.09 -9.22 -11.79
C VAL A 46 1.50 -9.31 -12.41
N LEU A 47 2.16 -8.16 -12.66
CA LEU A 47 3.50 -8.17 -13.28
C LEU A 47 4.62 -8.68 -12.40
N HIS A 48 4.58 -8.38 -11.09
CA HIS A 48 5.55 -9.01 -10.20
C HIS A 48 5.42 -10.51 -10.28
N ALA A 49 4.21 -11.01 -10.30
CA ALA A 49 3.98 -12.42 -10.28
C ALA A 49 4.59 -13.09 -11.53
N ILE A 50 4.27 -12.53 -12.69
CA ILE A 50 4.77 -13.04 -13.96
C ILE A 50 6.27 -12.93 -14.06
N ALA A 51 6.86 -11.82 -13.64
CA ALA A 51 8.30 -11.66 -13.74
C ALA A 51 9.09 -12.69 -12.91
N LYS A 52 8.56 -13.11 -11.76
CA LYS A 52 9.12 -14.21 -10.99
C LYS A 52 9.20 -15.49 -11.83
N LEU A 53 8.27 -15.65 -12.73
CA LEU A 53 8.25 -16.84 -13.58
C LEU A 53 9.29 -16.72 -14.67
N ALA A 54 9.70 -15.49 -14.97
CA ALA A 54 10.75 -15.21 -15.96
C ALA A 54 10.39 -15.71 -17.38
N PRO A 55 9.17 -15.40 -17.89
CA PRO A 55 8.92 -15.86 -19.26
C PRO A 55 9.83 -15.09 -20.26
N GLN A 56 9.97 -15.61 -21.47
CA GLN A 56 10.81 -15.01 -22.53
C GLN A 56 10.17 -13.71 -22.96
N ARG A 57 8.84 -13.71 -23.17
CA ARG A 57 8.17 -12.47 -23.58
C ARG A 57 7.04 -12.13 -22.62
N LEU A 58 6.82 -10.84 -22.41
CA LEU A 58 5.78 -10.41 -21.57
C LEU A 58 5.22 -9.16 -22.21
N ILE A 59 3.92 -9.22 -22.53
CA ILE A 59 3.23 -8.17 -23.28
C ILE A 59 1.93 -7.69 -22.56
N VAL A 60 1.74 -6.38 -22.38
CA VAL A 60 0.59 -5.86 -21.68
C VAL A 60 -0.26 -5.21 -22.76
N VAL A 61 -1.53 -5.52 -22.83
CA VAL A 61 -2.37 -4.94 -23.85
C VAL A 61 -3.10 -3.84 -23.15
N LEU A 62 -2.91 -2.61 -23.63
CA LEU A 62 -3.52 -1.40 -23.13
C LEU A 62 -4.52 -0.73 -24.10
N GLY A 63 -5.44 0.05 -23.53
CA GLY A 63 -6.53 0.66 -24.26
C GLY A 63 -6.42 2.17 -24.34
N HIS A 64 -7.56 2.86 -24.28
CA HIS A 64 -7.54 4.29 -24.68
C HIS A 64 -6.76 5.11 -23.64
N ASP A 65 -6.75 4.65 -22.39
CA ASP A 65 -5.91 5.31 -21.40
C ASP A 65 -4.46 4.78 -21.33
N HIS A 66 -3.93 4.19 -22.42
CA HIS A 66 -2.57 3.70 -22.41
C HIS A 66 -1.56 4.70 -21.98
N GLN A 67 -1.84 5.99 -22.18
CA GLN A 67 -0.87 7.02 -21.85
C GLN A 67 -0.66 7.21 -20.38
N ARG A 68 -1.65 6.85 -19.57
CA ARG A 68 -1.45 6.86 -18.12
C ARG A 68 -0.98 5.56 -17.55
N ILE A 69 -1.07 4.47 -18.29
CA ILE A 69 -0.58 3.21 -17.76
C ILE A 69 0.82 2.86 -18.30
N ALA A 70 1.04 3.10 -19.59
CA ALA A 70 2.32 2.70 -20.26
C ALA A 70 3.55 3.13 -19.47
N PRO A 71 3.54 4.36 -18.90
CA PRO A 71 4.69 4.76 -18.09
C PRO A 71 4.91 3.95 -16.81
N LEU A 72 3.86 3.67 -16.05
CA LEU A 72 3.94 2.72 -14.94
C LEU A 72 4.46 1.33 -15.39
N VAL A 73 4.11 0.92 -16.60
CA VAL A 73 4.63 -0.34 -17.11
C VAL A 73 6.17 -0.26 -17.24
N GLY A 74 6.66 0.83 -17.80
CA GLY A 74 8.12 1.06 -17.90
C GLY A 74 8.80 1.09 -16.54
N GLU A 75 8.23 1.81 -15.58
CA GLU A 75 8.72 1.77 -14.20
C GLU A 75 8.88 0.34 -13.71
N LEU A 76 7.86 -0.50 -13.88
CA LEU A 76 7.95 -1.89 -13.39
C LEU A 76 8.94 -2.68 -14.21
N ALA A 77 8.95 -2.50 -15.52
CA ALA A 77 9.99 -3.15 -16.33
C ALA A 77 11.38 -2.86 -15.71
N ASP A 78 11.68 -1.59 -15.53
CA ASP A 78 12.92 -1.15 -14.86
C ASP A 78 13.15 -1.79 -13.46
N THR A 79 12.17 -1.74 -12.54
CA THR A 79 12.26 -2.49 -11.26
C THR A 79 12.44 -4.00 -11.41
N LEU A 80 11.72 -4.63 -12.32
CA LEU A 80 11.82 -6.07 -12.41
C LEU A 80 13.05 -6.54 -13.21
N GLY A 81 13.83 -5.58 -13.73
CA GLY A 81 15.03 -5.91 -14.51
C GLY A 81 14.75 -6.63 -15.82
N ARG A 82 13.71 -6.20 -16.53
CA ARG A 82 13.29 -6.91 -17.75
C ARG A 82 12.60 -6.01 -18.72
N THR A 83 12.26 -6.58 -19.85
CA THR A 83 11.64 -5.89 -20.94
C THR A 83 10.14 -6.21 -20.85
N ILE A 84 9.27 -5.18 -20.83
CA ILE A 84 7.83 -5.43 -20.92
C ILE A 84 7.26 -4.65 -22.08
N ASP A 85 6.66 -5.36 -23.05
CA ASP A 85 6.13 -4.65 -24.22
C ASP A 85 4.67 -4.30 -23.97
N VAL A 86 4.25 -3.29 -24.70
CA VAL A 86 2.93 -2.80 -24.70
C VAL A 86 2.36 -2.95 -26.10
N ALA A 87 1.16 -3.53 -26.19
CA ALA A 87 0.39 -3.64 -27.39
C ALA A 87 -0.85 -2.82 -27.17
N LEU A 88 -1.29 -2.16 -28.23
CA LEU A 88 -2.48 -1.33 -28.15
C LEU A 88 -3.72 -1.94 -28.78
N GLN A 89 -4.84 -1.78 -28.06
CA GLN A 89 -6.11 -2.21 -28.51
C GLN A 89 -6.92 -0.96 -28.60
N ASP A 90 -7.18 -0.47 -29.80
CA ASP A 90 -7.78 0.84 -29.81
C ASP A 90 -9.26 0.90 -29.50
N ARG A 91 -9.98 -0.19 -29.67
CA ARG A 91 -11.33 -0.23 -29.11
C ARG A 91 -11.55 -1.52 -28.34
N PRO A 92 -12.29 -1.47 -27.21
CA PRO A 92 -12.45 -2.71 -26.42
C PRO A 92 -13.48 -3.68 -27.03
N LEU A 93 -13.05 -4.41 -28.04
CA LEU A 93 -13.97 -5.22 -28.78
C LEU A 93 -14.08 -6.60 -28.18
N GLY A 94 -13.43 -6.85 -27.05
CA GLY A 94 -13.54 -8.14 -26.43
C GLY A 94 -12.20 -8.76 -26.07
N THR A 95 -12.24 -9.73 -25.17
CA THR A 95 -11.01 -10.33 -24.71
C THR A 95 -10.31 -11.10 -25.84
N GLY A 96 -11.10 -11.66 -26.76
CA GLY A 96 -10.53 -12.40 -27.88
C GLY A 96 -9.76 -11.40 -28.76
N HIS A 97 -10.33 -10.23 -29.00
CA HIS A 97 -9.75 -9.18 -29.84
C HIS A 97 -8.50 -8.68 -29.15
N ALA A 98 -8.59 -8.52 -27.82
CA ALA A 98 -7.43 -8.07 -27.03
C ALA A 98 -6.25 -9.01 -27.21
N VAL A 99 -6.50 -10.30 -27.17
CA VAL A 99 -5.43 -11.24 -27.35
C VAL A 99 -4.79 -11.13 -28.76
N LEU A 100 -5.61 -10.89 -29.79
CA LEU A 100 -5.08 -10.62 -31.14
C LEU A 100 -4.16 -9.42 -31.10
N CYS A 101 -4.60 -8.32 -30.46
CA CYS A 101 -3.66 -7.20 -30.29
C CYS A 101 -2.33 -7.61 -29.64
N GLY A 102 -2.39 -8.34 -28.54
CA GLY A 102 -1.19 -8.78 -27.87
C GLY A 102 -0.29 -9.62 -28.76
N LEU A 103 -0.89 -10.49 -29.55
CA LEU A 103 -0.13 -11.32 -30.47
C LEU A 103 0.68 -10.48 -31.47
N SER A 104 0.17 -9.31 -31.82
CA SER A 104 0.82 -8.53 -32.83
C SER A 104 2.21 -8.11 -32.34
N ALA A 105 2.44 -8.23 -31.03
CA ALA A 105 3.70 -7.79 -30.48
C ALA A 105 4.71 -8.94 -30.38
N LEU A 106 4.30 -10.12 -30.82
CA LEU A 106 5.18 -11.31 -30.94
C LEU A 106 5.62 -11.45 -32.43
N PRO A 107 6.79 -12.07 -32.72
CA PRO A 107 7.13 -12.32 -34.15
C PRO A 107 6.03 -13.19 -34.79
N ASP A 108 5.72 -12.99 -36.07
CA ASP A 108 4.73 -13.83 -36.78
C ASP A 108 5.00 -15.32 -36.73
N ASP A 109 6.26 -15.71 -36.57
CA ASP A 109 6.66 -17.11 -36.48
C ASP A 109 6.89 -17.56 -35.04
N TYR A 110 6.42 -16.79 -34.04
CA TYR A 110 6.67 -17.18 -32.64
C TYR A 110 6.18 -18.64 -32.48
N ALA A 111 6.96 -19.46 -31.79
CA ALA A 111 6.54 -20.85 -31.61
C ALA A 111 6.45 -21.31 -30.13
N GLY A 112 6.76 -20.44 -29.20
CA GLY A 112 6.54 -20.76 -27.77
C GLY A 112 5.06 -20.85 -27.36
N ASN A 113 4.81 -21.25 -26.12
CA ASN A 113 3.47 -21.22 -25.59
C ASN A 113 3.02 -19.77 -25.33
N VAL A 114 1.72 -19.54 -25.38
CA VAL A 114 1.12 -18.27 -25.00
C VAL A 114 0.27 -18.44 -23.74
N VAL A 115 0.67 -17.76 -22.66
CA VAL A 115 -0.19 -17.71 -21.48
C VAL A 115 -0.89 -16.37 -21.54
N VAL A 116 -2.20 -16.40 -21.33
CA VAL A 116 -3.00 -15.22 -21.24
C VAL A 116 -3.52 -15.07 -19.82
N THR A 117 -3.45 -13.83 -19.31
CA THR A 117 -3.99 -13.53 -18.05
C THR A 117 -4.60 -12.12 -18.03
N SER A 118 -5.39 -11.80 -17.01
CA SER A 118 -5.95 -10.44 -16.89
C SER A 118 -5.17 -9.50 -16.04
N GLY A 119 -5.29 -8.22 -16.26
CA GLY A 119 -4.71 -7.31 -15.32
C GLY A 119 -5.48 -7.14 -13.99
N ASP A 120 -6.64 -7.79 -13.83
CA ASP A 120 -7.44 -7.69 -12.62
C ASP A 120 -7.54 -8.96 -11.70
N THR A 121 -6.51 -9.80 -11.73
CA THR A 121 -6.42 -11.01 -10.98
C THR A 121 -5.19 -10.87 -10.10
N PRO A 122 -5.25 -9.92 -9.17
CA PRO A 122 -4.10 -9.55 -8.38
C PRO A 122 -3.48 -10.53 -7.36
N LEU A 123 -4.09 -11.69 -7.10
CA LEU A 123 -3.45 -12.65 -6.19
C LEU A 123 -2.80 -13.77 -7.01
N LEU A 124 -2.89 -13.63 -8.29
CA LEU A 124 -2.39 -14.67 -9.08
C LEU A 124 -0.89 -14.78 -8.79
N ASP A 125 -0.37 -15.98 -8.66
CA ASP A 125 1.02 -16.08 -8.26
C ASP A 125 1.87 -16.93 -9.19
N ALA A 126 3.18 -16.73 -9.16
CA ALA A 126 4.08 -17.44 -10.04
C ALA A 126 3.88 -18.97 -9.91
N ASP A 127 3.68 -19.52 -8.72
CA ASP A 127 3.51 -20.99 -8.61
C ASP A 127 2.30 -21.45 -9.42
N THR A 128 1.18 -20.73 -9.36
CA THR A 128 -0.02 -21.17 -10.09
C THR A 128 0.24 -21.14 -11.60
N LEU A 129 1.01 -20.15 -12.04
CA LEU A 129 1.29 -20.01 -13.45
C LEU A 129 2.25 -21.10 -13.88
N ALA A 130 3.31 -21.38 -13.09
CA ALA A 130 4.21 -22.47 -13.43
C ALA A 130 3.44 -23.79 -13.52
N ASP A 131 2.56 -24.08 -12.55
CA ASP A 131 1.68 -25.26 -12.60
C ASP A 131 0.83 -25.31 -13.84
N LEU A 132 0.30 -24.15 -14.25
CA LEU A 132 -0.51 -24.12 -15.44
C LEU A 132 0.32 -24.54 -16.65
N ILE A 133 1.49 -23.96 -16.82
CA ILE A 133 2.37 -24.30 -17.92
C ILE A 133 2.82 -25.77 -17.84
N ALA A 134 3.36 -26.22 -16.72
CA ALA A 134 3.61 -27.68 -16.60
C ALA A 134 2.41 -28.62 -17.01
N THR A 135 1.20 -28.37 -16.50
CA THR A 135 0.03 -29.16 -16.88
C THR A 135 -0.26 -29.12 -18.36
N HIS A 136 -0.34 -27.93 -18.92
CA HIS A 136 -0.54 -27.74 -20.35
C HIS A 136 0.42 -28.59 -21.21
N ARG A 137 1.68 -28.61 -20.80
CA ARG A 137 2.71 -29.44 -21.43
C ARG A 137 2.49 -30.93 -21.13
N ALA A 138 2.22 -31.29 -19.89
CA ALA A 138 2.06 -32.74 -19.56
C ALA A 138 0.97 -33.43 -20.39
N VAL A 139 -0.10 -32.71 -20.73
CA VAL A 139 -1.24 -33.33 -21.39
C VAL A 139 -1.27 -32.95 -22.86
N SER A 140 -0.26 -32.21 -23.32
CA SER A 140 -0.17 -31.69 -24.70
C SER A 140 -1.45 -31.01 -25.17
N ALA A 141 -2.04 -30.19 -24.28
CA ALA A 141 -3.31 -29.54 -24.60
C ALA A 141 -3.08 -28.54 -25.72
N ALA A 142 -4.09 -28.28 -26.53
CA ALA A 142 -4.07 -27.07 -27.33
C ALA A 142 -4.43 -25.85 -26.48
N VAL A 143 -5.30 -26.02 -25.48
CA VAL A 143 -5.60 -24.92 -24.54
C VAL A 143 -5.84 -25.50 -23.19
N THR A 144 -5.20 -24.94 -22.16
CA THR A 144 -5.49 -25.29 -20.78
C THR A 144 -6.02 -24.02 -20.13
N VAL A 145 -7.17 -24.12 -19.47
CA VAL A 145 -7.74 -23.00 -18.77
C VAL A 145 -7.78 -23.30 -17.26
N LEU A 146 -7.50 -22.29 -16.43
CA LEU A 146 -7.63 -22.44 -15.01
C LEU A 146 -9.05 -22.15 -14.60
N THR A 147 -9.54 -22.92 -13.64
CA THR A 147 -10.91 -22.74 -13.18
C THR A 147 -10.91 -22.79 -11.68
N THR A 148 -12.00 -22.37 -11.06
CA THR A 148 -12.13 -22.67 -9.66
C THR A 148 -13.60 -22.80 -9.34
N THR A 149 -13.89 -23.18 -8.10
CA THR A 149 -15.29 -23.23 -7.70
C THR A 149 -15.60 -22.39 -6.46
N LEU A 150 -16.63 -21.59 -6.65
CA LEU A 150 -17.00 -20.54 -5.75
C LEU A 150 -18.46 -20.79 -5.28
N ASP A 151 -18.77 -20.39 -4.04
CA ASP A 151 -20.17 -20.26 -3.56
C ASP A 151 -21.02 -19.32 -4.40
N ASP A 152 -20.46 -18.15 -4.75
CA ASP A 152 -21.17 -17.16 -5.58
C ASP A 152 -20.49 -17.05 -6.94
N PRO A 153 -21.07 -17.70 -7.96
CA PRO A 153 -20.31 -17.66 -9.22
C PRO A 153 -20.69 -16.46 -10.09
N PHE A 154 -21.53 -15.54 -9.60
CA PHE A 154 -22.09 -14.46 -10.46
C PHE A 154 -20.95 -13.69 -11.15
N GLY A 155 -21.12 -13.42 -12.45
CA GLY A 155 -20.19 -12.62 -13.24
C GLY A 155 -19.15 -13.36 -14.04
N TYR A 156 -18.80 -14.56 -13.59
CA TYR A 156 -17.79 -15.37 -14.18
C TYR A 156 -18.31 -16.24 -15.37
N GLY A 157 -17.42 -16.64 -16.31
CA GLY A 157 -17.79 -17.68 -17.31
C GLY A 157 -18.01 -19.04 -16.58
N ARG A 158 -18.99 -19.85 -17.02
CA ARG A 158 -19.29 -21.14 -16.38
C ARG A 158 -18.58 -22.22 -17.17
N ILE A 159 -18.02 -23.22 -16.47
CA ILE A 159 -17.29 -24.35 -17.12
C ILE A 159 -18.27 -25.51 -17.45
N LEU A 160 -18.50 -25.75 -18.73
CA LEU A 160 -19.39 -26.82 -19.22
C LEU A 160 -18.59 -28.12 -19.39
N ARG A 161 -19.02 -29.15 -18.67
CA ARG A 161 -18.29 -30.40 -18.70
C ARG A 161 -19.27 -31.55 -18.82
N THR A 162 -18.85 -32.59 -19.53
CA THR A 162 -19.64 -33.81 -19.57
C THR A 162 -19.35 -34.64 -18.30
N GLN A 163 -20.14 -35.70 -18.02
CA GLN A 163 -20.07 -36.42 -16.71
C GLN A 163 -18.71 -37.06 -16.50
N ASP A 164 -17.96 -37.20 -17.60
CA ASP A 164 -16.62 -37.70 -17.54
C ASP A 164 -15.59 -36.61 -17.20
N HIS A 165 -16.04 -35.38 -16.95
CA HIS A 165 -15.18 -34.20 -16.63
C HIS A 165 -14.45 -33.53 -17.77
N GLU A 166 -14.75 -33.93 -19.01
CA GLU A 166 -14.20 -33.26 -20.21
C GLU A 166 -14.87 -31.91 -20.34
N VAL A 167 -14.08 -30.87 -20.57
CA VAL A 167 -14.61 -29.53 -20.77
C VAL A 167 -15.10 -29.40 -22.18
N MET A 168 -16.24 -28.76 -22.36
CA MET A 168 -16.83 -28.66 -23.65
C MET A 168 -16.82 -27.21 -24.07
N ALA A 169 -17.05 -26.31 -23.12
CA ALA A 169 -17.19 -24.90 -23.46
C ALA A 169 -17.12 -24.08 -22.19
N ILE A 170 -17.01 -22.78 -22.36
CA ILE A 170 -17.19 -21.83 -21.28
C ILE A 170 -18.35 -20.92 -21.71
N VAL A 171 -19.28 -20.62 -20.79
CA VAL A 171 -20.41 -19.73 -21.15
C VAL A 171 -20.48 -18.53 -20.22
N GLU A 172 -20.58 -17.35 -20.82
CA GLU A 172 -20.47 -16.07 -20.05
C GLU A 172 -21.72 -15.79 -19.22
N GLN A 173 -21.59 -15.09 -18.10
CA GLN A 173 -22.74 -14.76 -17.26
C GLN A 173 -23.93 -14.29 -18.06
N THR A 174 -23.69 -13.45 -19.07
CA THR A 174 -24.74 -12.75 -19.79
C THR A 174 -25.38 -13.63 -20.84
N ASP A 175 -24.71 -14.69 -21.23
CA ASP A 175 -25.18 -15.57 -22.29
C ASP A 175 -25.72 -16.88 -21.76
N ALA A 176 -25.54 -17.11 -20.45
CA ALA A 176 -25.89 -18.36 -19.81
C ALA A 176 -27.40 -18.42 -19.52
N THR A 177 -28.01 -19.54 -19.94
CA THR A 177 -29.35 -19.97 -19.47
C THR A 177 -29.38 -20.09 -17.94
N PRO A 178 -30.60 -19.94 -17.35
CA PRO A 178 -30.77 -20.03 -15.88
C PRO A 178 -30.14 -21.29 -15.35
N SER A 179 -30.20 -22.34 -16.15
CA SER A 179 -29.61 -23.62 -15.78
C SER A 179 -28.03 -23.64 -15.80
N GLN A 180 -27.42 -23.06 -16.82
CA GLN A 180 -25.98 -22.90 -16.86
C GLN A 180 -25.52 -22.04 -15.71
N ARG A 181 -26.36 -21.09 -15.30
CA ARG A 181 -25.99 -20.20 -14.21
C ARG A 181 -25.90 -20.87 -12.86
N GLU A 182 -26.59 -21.99 -12.69
CA GLU A 182 -26.41 -22.79 -11.50
C GLU A 182 -25.00 -23.36 -11.39
N ILE A 183 -24.28 -23.53 -12.50
CA ILE A 183 -22.92 -24.06 -12.39
C ILE A 183 -22.05 -23.18 -11.49
N ARG A 184 -21.30 -23.81 -10.62
CA ARG A 184 -20.50 -23.08 -9.67
C ARG A 184 -18.97 -23.18 -10.01
N GLU A 185 -18.62 -23.98 -11.01
CA GLU A 185 -17.23 -24.02 -11.49
C GLU A 185 -17.03 -22.91 -12.54
N VAL A 186 -16.05 -22.02 -12.34
CA VAL A 186 -15.97 -20.82 -13.20
C VAL A 186 -14.65 -20.68 -13.85
N ASN A 187 -14.62 -19.94 -14.94
CA ASN A 187 -13.36 -19.61 -15.69
C ASN A 187 -12.56 -18.54 -14.99
N ALA A 188 -11.30 -18.84 -14.67
CA ALA A 188 -10.43 -17.86 -14.01
C ALA A 188 -9.89 -16.79 -14.95
N GLY A 189 -10.00 -17.05 -16.26
CA GLY A 189 -9.52 -16.15 -17.29
C GLY A 189 -8.02 -16.27 -17.40
N VAL A 190 -7.48 -17.46 -17.19
CA VAL A 190 -6.04 -17.65 -17.16
C VAL A 190 -5.83 -18.94 -17.96
N TYR A 191 -5.10 -18.79 -19.07
CA TYR A 191 -5.01 -19.81 -20.08
C TYR A 191 -3.55 -20.06 -20.50
N ALA A 192 -3.30 -21.28 -20.91
CA ALA A 192 -2.11 -21.61 -21.67
C ALA A 192 -2.60 -22.04 -23.07
N PHE A 193 -1.95 -21.56 -24.12
CA PHE A 193 -2.30 -21.99 -25.47
C PHE A 193 -1.12 -22.47 -26.30
N ASP A 194 -1.35 -23.47 -27.13
CA ASP A 194 -0.47 -23.71 -28.29
C ASP A 194 -0.67 -22.52 -29.27
N ILE A 195 0.41 -21.83 -29.65
CA ILE A 195 0.21 -20.61 -30.46
C ILE A 195 -0.62 -20.81 -31.73
N ALA A 196 -0.37 -21.89 -32.48
CA ALA A 196 -1.07 -22.06 -33.79
C ALA A 196 -2.60 -22.24 -33.63
N ALA A 197 -2.95 -23.10 -32.67
CA ALA A 197 -4.32 -23.39 -32.26
C ALA A 197 -5.02 -22.12 -31.82
N LEU A 198 -4.33 -21.29 -31.04
CA LEU A 198 -4.90 -20.00 -30.60
C LEU A 198 -5.21 -19.04 -31.77
N ARG A 199 -4.19 -18.79 -32.61
CA ARG A 199 -4.36 -17.91 -33.80
C ARG A 199 -5.50 -18.42 -34.64
N SER A 200 -5.50 -19.71 -34.89
CA SER A 200 -6.54 -20.28 -35.70
C SER A 200 -7.92 -20.06 -35.14
N ALA A 201 -8.11 -20.34 -33.84
CA ALA A 201 -9.44 -20.21 -33.24
C ALA A 201 -9.84 -18.76 -33.06
N LEU A 202 -8.89 -17.86 -32.74
CA LEU A 202 -9.21 -16.43 -32.67
C LEU A 202 -9.79 -15.90 -34.03
N SER A 203 -9.20 -16.34 -35.13
CA SER A 203 -9.69 -15.94 -36.46
C SER A 203 -11.18 -16.33 -36.72
N ARG A 204 -11.70 -17.32 -35.98
CA ARG A 204 -13.07 -17.83 -36.22
C ARG A 204 -14.11 -17.31 -35.24
N LEU A 205 -13.73 -16.37 -34.40
CA LEU A 205 -14.62 -15.82 -33.39
C LEU A 205 -15.74 -14.98 -34.01
N SER A 206 -16.92 -14.95 -33.38
CA SER A 206 -18.04 -14.15 -33.89
C SER A 206 -18.58 -13.26 -32.79
N SER A 207 -19.03 -12.06 -33.14
CA SER A 207 -19.54 -11.12 -32.14
C SER A 207 -21.04 -11.30 -31.83
N ASN A 208 -21.62 -12.37 -32.37
CA ASN A 208 -23.03 -12.76 -32.21
C ASN A 208 -23.44 -13.30 -30.79
N ASN A 209 -23.53 -12.43 -29.80
CA ASN A 209 -23.78 -12.89 -28.44
C ASN A 209 -24.27 -11.70 -27.69
N ALA A 210 -24.65 -11.83 -26.41
CA ALA A 210 -25.27 -10.74 -25.68
C ALA A 210 -24.44 -9.45 -25.62
N GLN A 211 -23.21 -9.52 -25.09
CA GLN A 211 -22.30 -8.35 -24.95
C GLN A 211 -21.81 -7.81 -26.31
N GLN A 212 -21.98 -8.61 -27.35
CA GLN A 212 -21.53 -8.29 -28.67
C GLN A 212 -20.02 -7.98 -28.77
N GLU A 213 -19.24 -8.95 -28.32
CA GLU A 213 -17.80 -8.85 -28.30
C GLU A 213 -17.20 -10.11 -28.86
N LEU A 214 -15.89 -10.05 -29.13
CA LEU A 214 -15.14 -11.21 -29.53
C LEU A 214 -14.61 -11.87 -28.23
N TYR A 215 -15.24 -12.97 -27.81
CA TYR A 215 -14.96 -13.62 -26.49
C TYR A 215 -13.77 -14.51 -26.61
N LEU A 216 -12.75 -14.31 -25.80
CA LEU A 216 -11.66 -15.31 -25.73
C LEU A 216 -12.18 -16.66 -25.29
N THR A 217 -13.32 -16.67 -24.58
CA THR A 217 -13.83 -17.90 -23.95
C THR A 217 -14.37 -18.86 -24.99
N ASP A 218 -14.82 -18.32 -26.14
CA ASP A 218 -15.29 -19.15 -27.25
C ASP A 218 -14.22 -20.05 -27.80
N VAL A 219 -12.96 -19.69 -27.56
CA VAL A 219 -11.89 -20.47 -28.12
C VAL A 219 -11.93 -21.90 -27.60
N ILE A 220 -12.45 -22.10 -26.39
CA ILE A 220 -12.51 -23.45 -25.80
C ILE A 220 -13.42 -24.37 -26.65
N ALA A 221 -14.67 -23.95 -26.88
CA ALA A 221 -15.64 -24.74 -27.66
C ALA A 221 -15.13 -24.90 -29.10
N ILE A 222 -14.53 -23.84 -29.67
CA ILE A 222 -13.97 -23.97 -30.97
C ILE A 222 -12.93 -25.07 -31.04
N LEU A 223 -11.94 -25.07 -30.13
CA LEU A 223 -10.91 -26.07 -30.19
C LEU A 223 -11.43 -27.48 -29.85
N ARG A 224 -12.46 -27.57 -29.00
CA ARG A 224 -13.08 -28.87 -28.72
C ARG A 224 -13.63 -29.46 -30.05
N SER A 225 -14.53 -28.72 -30.70
CA SER A 225 -14.94 -28.98 -32.08
C SER A 225 -13.83 -29.34 -33.02
N ASP A 226 -12.77 -28.59 -33.11
CA ASP A 226 -11.68 -29.06 -34.00
C ASP A 226 -11.10 -30.43 -33.69
N GLY A 227 -11.50 -31.05 -32.57
CA GLY A 227 -10.84 -32.28 -32.12
C GLY A 227 -9.47 -32.08 -31.46
N GLN A 228 -9.17 -30.86 -31.03
CA GLN A 228 -7.93 -30.61 -30.30
C GLN A 228 -8.11 -31.01 -28.84
N THR A 229 -7.01 -31.18 -28.12
CA THR A 229 -7.06 -31.44 -26.71
C THR A 229 -7.30 -30.16 -25.88
N VAL A 230 -8.32 -30.21 -25.01
CA VAL A 230 -8.76 -29.07 -24.23
C VAL A 230 -8.75 -29.53 -22.79
N HIS A 231 -8.02 -28.80 -21.93
CA HIS A 231 -7.84 -29.18 -20.53
C HIS A 231 -8.22 -28.01 -19.62
N ALA A 232 -8.99 -28.31 -18.56
CA ALA A 232 -9.31 -27.33 -17.57
C ALA A 232 -8.73 -27.78 -16.27
N SER A 233 -7.91 -26.92 -15.66
CA SER A 233 -7.17 -27.27 -14.46
C SER A 233 -7.73 -26.48 -13.27
N HIS A 234 -8.20 -27.22 -12.26
CA HIS A 234 -9.00 -26.67 -11.16
C HIS A 234 -8.09 -26.13 -10.08
N VAL A 235 -8.31 -24.89 -9.67
CA VAL A 235 -7.41 -24.26 -8.66
C VAL A 235 -8.18 -24.28 -7.33
N ASP A 236 -7.76 -25.13 -6.39
CA ASP A 236 -8.53 -25.25 -5.10
C ASP A 236 -8.60 -23.93 -4.35
N ASP A 237 -7.45 -23.27 -4.17
CA ASP A 237 -7.39 -21.93 -3.52
C ASP A 237 -8.00 -20.78 -4.36
N SER A 238 -9.32 -20.65 -4.32
CA SER A 238 -9.99 -19.74 -5.21
C SER A 238 -9.38 -18.36 -5.25
N ALA A 239 -8.86 -17.92 -4.11
CA ALA A 239 -8.47 -16.50 -4.00
C ALA A 239 -7.42 -16.19 -5.03
N LEU A 240 -6.57 -17.18 -5.34
CA LEU A 240 -5.47 -16.93 -6.22
C LEU A 240 -6.00 -16.52 -7.61
N VAL A 241 -7.24 -16.89 -7.98
CA VAL A 241 -7.66 -16.56 -9.33
C VAL A 241 -8.87 -15.71 -9.36
N ALA A 242 -9.16 -15.06 -8.24
CA ALA A 242 -10.33 -14.21 -8.14
C ALA A 242 -10.14 -12.92 -8.88
N GLY A 243 -11.19 -12.49 -9.60
CA GLY A 243 -11.07 -11.22 -10.27
C GLY A 243 -11.64 -10.08 -9.53
N VAL A 244 -11.31 -8.89 -10.01
CA VAL A 244 -11.78 -7.65 -9.51
C VAL A 244 -12.43 -6.73 -10.66
N ASN A 245 -13.77 -6.75 -10.72
CA ASN A 245 -14.49 -5.85 -11.61
C ASN A 245 -15.11 -4.60 -10.99
N ASN A 246 -15.21 -4.53 -9.66
CA ASN A 246 -15.85 -3.41 -8.96
C ASN A 246 -15.16 -3.24 -7.60
N ARG A 247 -15.48 -2.15 -6.88
CA ARG A 247 -14.82 -1.86 -5.61
C ARG A 247 -15.21 -2.82 -4.46
N VAL A 248 -16.28 -3.61 -4.58
CA VAL A 248 -16.60 -4.56 -3.51
C VAL A 248 -15.60 -5.70 -3.57
N GLN A 249 -15.37 -6.20 -4.76
CA GLN A 249 -14.41 -7.25 -5.00
C GLN A 249 -12.98 -6.77 -4.71
N LEU A 250 -12.67 -5.52 -4.98
CA LEU A 250 -11.36 -5.03 -4.68
C LEU A 250 -11.10 -5.09 -3.12
N ALA A 251 -11.97 -4.48 -2.32
CA ALA A 251 -11.85 -4.62 -0.83
C ALA A 251 -11.87 -6.06 -0.33
N GLU A 252 -12.65 -6.95 -0.90
CA GLU A 252 -12.56 -8.38 -0.51
C GLU A 252 -11.17 -9.02 -0.73
N LEU A 253 -10.56 -8.76 -1.87
CA LEU A 253 -9.26 -9.32 -2.15
C LEU A 253 -8.22 -8.57 -1.39
N ALA A 254 -8.37 -7.26 -1.20
CA ALA A 254 -7.39 -6.58 -0.35
C ALA A 254 -7.41 -7.23 1.08
N SER A 255 -8.58 -7.51 1.60
CA SER A 255 -8.76 -8.08 2.88
C SER A 255 -8.10 -9.46 2.91
N GLU A 256 -8.39 -10.30 1.93
CA GLU A 256 -7.80 -11.62 1.88
C GLU A 256 -6.25 -11.63 1.68
N LEU A 257 -5.75 -10.80 0.80
CA LEU A 257 -4.33 -10.62 0.64
C LEU A 257 -3.72 -10.19 2.00
N ASN A 258 -4.35 -9.19 2.62
CA ASN A 258 -3.86 -8.74 3.92
C ASN A 258 -3.81 -9.87 4.96
N ARG A 259 -4.79 -10.78 4.98
CA ARG A 259 -4.77 -11.86 5.95
C ARG A 259 -3.55 -12.71 5.77
N ARG A 260 -3.13 -12.90 4.50
CA ARG A 260 -2.06 -13.79 4.17
C ARG A 260 -0.73 -13.09 4.52
N VAL A 261 -0.69 -11.78 4.38
CA VAL A 261 0.56 -11.11 4.67
C VAL A 261 0.77 -11.15 6.19
N VAL A 262 -0.28 -10.77 6.92
CA VAL A 262 -0.28 -10.80 8.37
C VAL A 262 0.07 -12.21 8.87
N ALA A 263 -0.62 -13.27 8.40
CA ALA A 263 -0.30 -14.62 8.83
C ALA A 263 1.19 -14.94 8.60
N ALA A 264 1.75 -14.56 7.45
CA ALA A 264 3.18 -14.81 7.24
C ALA A 264 4.02 -14.17 8.30
N HIS A 265 3.74 -12.91 8.65
CA HIS A 265 4.52 -12.26 9.71
C HIS A 265 4.31 -12.96 11.08
N GLN A 266 3.08 -13.40 11.36
CA GLN A 266 2.79 -14.14 12.60
C GLN A 266 3.59 -15.44 12.71
N LEU A 267 3.61 -16.21 11.62
CA LEU A 267 4.30 -17.45 11.68
C LEU A 267 5.81 -17.16 11.80
N ALA A 268 6.25 -15.96 11.41
CA ALA A 268 7.69 -15.66 11.53
C ALA A 268 8.05 -15.06 12.90
N GLY A 269 7.12 -14.96 13.85
CA GLY A 269 7.46 -14.41 15.19
C GLY A 269 6.94 -13.03 15.55
N VAL A 270 5.90 -12.55 14.84
CA VAL A 270 5.38 -11.24 15.11
C VAL A 270 3.98 -11.42 15.66
N THR A 271 3.72 -10.83 16.81
CA THR A 271 2.43 -10.97 17.44
C THR A 271 1.56 -9.89 16.90
N VAL A 272 0.47 -10.25 16.28
CA VAL A 272 -0.42 -9.23 15.74
C VAL A 272 -1.68 -9.41 16.52
N VAL A 273 -1.99 -8.48 17.41
CA VAL A 273 -3.20 -8.68 18.29
C VAL A 273 -4.48 -8.89 17.50
N ASP A 274 -4.71 -8.07 16.46
CA ASP A 274 -5.96 -8.23 15.70
C ASP A 274 -5.65 -8.13 14.21
N PRO A 275 -5.41 -9.27 13.58
CA PRO A 275 -5.15 -9.32 12.13
C PRO A 275 -6.20 -8.56 11.29
N ALA A 276 -7.50 -8.64 11.64
CA ALA A 276 -8.58 -7.99 10.85
C ALA A 276 -8.37 -6.49 10.75
N THR A 277 -7.71 -5.91 11.75
CA THR A 277 -7.47 -4.45 11.74
C THR A 277 -6.01 -4.05 11.66
N THR A 278 -5.22 -4.92 11.10
CA THR A 278 -3.78 -4.57 10.98
C THR A 278 -3.48 -4.72 9.46
N TRP A 279 -3.15 -3.63 8.79
CA TRP A 279 -2.98 -3.61 7.33
C TRP A 279 -1.50 -3.51 7.13
N ILE A 280 -0.95 -4.46 6.38
CA ILE A 280 0.50 -4.52 6.23
C ILE A 280 0.82 -4.57 4.74
N ASP A 281 1.46 -3.53 4.22
CA ASP A 281 1.82 -3.58 2.77
C ASP A 281 2.80 -4.73 2.47
N VAL A 282 2.90 -5.13 1.20
CA VAL A 282 3.72 -6.34 0.83
C VAL A 282 5.24 -6.21 1.05
N ASP A 283 5.80 -5.01 0.98
CA ASP A 283 7.25 -4.83 1.20
C ASP A 283 7.67 -4.58 2.67
N VAL A 284 6.71 -4.50 3.60
CA VAL A 284 6.98 -4.15 5.00
C VAL A 284 7.71 -5.30 5.61
N THR A 285 8.76 -5.02 6.38
CA THR A 285 9.39 -6.07 7.14
C THR A 285 9.27 -5.71 8.64
N ILE A 286 9.18 -6.75 9.46
CA ILE A 286 8.96 -6.62 10.89
C ILE A 286 9.79 -7.72 11.59
N GLY A 287 10.60 -7.30 12.54
CA GLY A 287 11.41 -8.23 13.38
C GLY A 287 10.67 -9.07 14.46
N ARG A 288 11.36 -10.09 14.88
CA ARG A 288 10.89 -11.13 15.77
C ARG A 288 10.42 -10.52 17.13
N ASP A 289 9.31 -11.02 17.66
CA ASP A 289 8.78 -10.60 18.93
C ASP A 289 8.26 -9.16 18.97
N THR A 290 8.15 -8.47 17.81
CA THR A 290 7.43 -7.20 17.90
C THR A 290 5.92 -7.46 18.14
N VAL A 291 5.23 -6.51 18.74
CA VAL A 291 3.78 -6.64 18.99
C VAL A 291 3.10 -5.49 18.24
N ILE A 292 2.13 -5.83 17.36
CA ILE A 292 1.37 -4.80 16.63
C ILE A 292 -0.03 -4.77 17.25
N HIS A 293 -0.39 -3.65 17.82
CA HIS A 293 -1.73 -3.52 18.47
C HIS A 293 -2.77 -3.13 17.37
N PRO A 294 -4.07 -3.33 17.65
CA PRO A 294 -5.12 -3.15 16.68
C PRO A 294 -5.13 -1.79 16.06
N GLY A 295 -5.66 -1.72 14.83
CA GLY A 295 -5.90 -0.44 14.19
C GLY A 295 -4.66 0.13 13.52
N THR A 296 -3.72 -0.74 13.17
CA THR A 296 -2.40 -0.23 12.73
C THR A 296 -2.27 -0.45 11.25
N GLN A 297 -1.70 0.53 10.55
CA GLN A 297 -1.33 0.28 9.15
C GLN A 297 0.15 0.50 8.96
N LEU A 298 0.81 -0.47 8.30
CA LEU A 298 2.23 -0.37 8.04
C LEU A 298 2.38 -0.31 6.52
N LEU A 299 2.73 0.85 6.00
CA LEU A 299 2.59 1.00 4.58
C LEU A 299 3.90 1.24 3.83
N GLY A 300 3.89 1.02 2.50
CA GLY A 300 5.03 1.40 1.68
C GLY A 300 6.19 0.48 2.08
N ARG A 301 7.31 1.08 2.43
CA ARG A 301 8.54 0.35 2.65
C ARG A 301 8.88 0.44 4.14
N THR A 302 7.85 0.49 4.97
CA THR A 302 8.03 0.65 6.39
C THR A 302 8.85 -0.56 6.86
N GLN A 303 9.76 -0.34 7.79
CA GLN A 303 10.54 -1.45 8.33
C GLN A 303 10.54 -1.35 9.82
N ILE A 304 10.09 -2.39 10.51
CA ILE A 304 10.07 -2.37 11.98
C ILE A 304 11.13 -3.36 12.51
N GLY A 305 11.88 -2.96 13.53
CA GLY A 305 12.86 -3.86 14.14
C GLY A 305 12.20 -4.94 14.98
N GLY A 306 13.01 -5.65 15.80
CA GLY A 306 12.52 -6.68 16.63
C GLY A 306 12.17 -6.16 18.00
N ARG A 307 11.29 -6.84 18.71
CA ARG A 307 10.88 -6.37 20.07
C ARG A 307 10.25 -4.94 20.16
N CYS A 308 9.65 -4.43 19.09
CA CYS A 308 9.02 -3.11 19.14
C CYS A 308 7.61 -3.27 19.57
N VAL A 309 7.00 -2.17 19.98
CA VAL A 309 5.55 -2.18 20.24
C VAL A 309 5.04 -1.16 19.24
N VAL A 310 4.04 -1.53 18.46
CA VAL A 310 3.42 -0.62 17.52
C VAL A 310 2.05 -0.17 18.04
N GLY A 311 2.06 0.68 19.06
CA GLY A 311 0.84 1.17 19.67
C GLY A 311 -0.34 1.16 18.71
N PRO A 312 -1.53 0.91 19.24
CA PRO A 312 -2.75 0.84 18.39
C PRO A 312 -2.90 2.15 17.63
N ASP A 313 -3.72 2.12 16.59
CA ASP A 313 -4.10 3.33 15.84
C ASP A 313 -2.94 4.10 15.28
N THR A 314 -2.00 3.35 14.73
CA THR A 314 -0.79 3.92 14.25
C THR A 314 -0.82 3.75 12.74
N THR A 315 -0.36 4.77 12.03
CA THR A 315 -0.24 4.63 10.56
C THR A 315 1.16 5.00 10.20
N LEU A 316 1.91 4.11 9.55
CA LEU A 316 3.32 4.46 9.22
C LEU A 316 3.58 4.15 7.74
N THR A 317 4.05 5.12 6.97
CA THR A 317 4.35 4.95 5.54
C THR A 317 5.80 5.32 5.35
N ASP A 318 6.56 4.33 4.93
CA ASP A 318 8.03 4.51 4.71
C ASP A 318 8.75 4.98 5.94
N VAL A 319 8.53 4.29 7.05
CA VAL A 319 9.14 4.70 8.27
C VAL A 319 10.05 3.58 8.71
N ALA A 320 11.26 3.91 9.13
CA ALA A 320 12.16 2.85 9.65
C ALA A 320 12.12 2.95 11.16
N VAL A 321 11.81 1.84 11.82
CA VAL A 321 11.80 1.83 13.27
C VAL A 321 12.83 0.82 13.81
N GLY A 322 13.76 1.27 14.65
CA GLY A 322 14.81 0.33 15.08
C GLY A 322 14.24 -0.64 16.10
N ASP A 323 15.10 -1.47 16.66
CA ASP A 323 14.79 -2.44 17.68
C ASP A 323 14.34 -1.84 19.01
N GLY A 324 13.42 -2.52 19.66
CA GLY A 324 13.02 -2.12 21.03
C GLY A 324 12.27 -0.78 21.05
N ALA A 325 11.84 -0.24 19.89
CA ALA A 325 11.22 1.05 19.95
C ALA A 325 9.74 0.93 20.28
N SER A 326 9.15 2.04 20.69
CA SER A 326 7.74 2.03 20.89
C SER A 326 7.05 3.14 20.06
N VAL A 327 6.02 2.77 19.29
CA VAL A 327 5.39 3.76 18.31
C VAL A 327 3.88 3.66 18.50
N VAL A 328 3.29 4.59 19.25
CA VAL A 328 1.90 4.33 19.73
C VAL A 328 1.00 5.46 19.25
N ARG A 329 -0.20 5.17 18.76
CA ARG A 329 -1.10 6.25 18.28
C ARG A 329 -0.34 7.27 17.51
N THR A 330 0.43 6.86 16.51
CA THR A 330 1.29 7.83 15.81
C THR A 330 0.86 7.87 14.31
N HIS A 331 0.96 9.02 13.66
CA HIS A 331 0.69 9.06 12.22
C HIS A 331 2.03 9.52 11.59
N GLY A 332 2.70 8.68 10.80
CA GLY A 332 4.00 9.25 10.30
C GLY A 332 4.46 8.77 8.96
N SER A 333 5.36 9.53 8.32
CA SER A 333 5.82 9.05 7.01
C SER A 333 7.26 9.47 6.73
N SER A 334 8.00 8.68 5.96
CA SER A 334 9.41 9.09 5.56
C SER A 334 10.27 9.60 6.67
N SER A 335 10.39 8.79 7.69
CA SER A 335 10.98 9.22 8.94
C SER A 335 11.77 8.06 9.46
N SER A 336 12.69 8.29 10.41
CA SER A 336 13.23 7.10 11.06
C SER A 336 13.25 7.25 12.56
N ILE A 337 13.09 6.12 13.23
CA ILE A 337 12.90 6.13 14.67
C ILE A 337 13.94 5.21 15.26
N GLY A 338 14.87 5.79 16.03
CA GLY A 338 16.03 4.99 16.49
C GLY A 338 15.68 3.86 17.47
N ASP A 339 16.64 2.95 17.69
CA ASP A 339 16.53 1.90 18.65
C ASP A 339 16.08 2.43 20.01
N GLY A 340 15.23 1.67 20.65
CA GLY A 340 14.79 2.07 22.01
C GLY A 340 13.99 3.42 22.09
N ALA A 341 13.79 4.15 20.97
CA ALA A 341 12.99 5.42 21.11
C ALA A 341 11.52 5.22 21.55
N ALA A 342 10.93 6.24 22.16
CA ALA A 342 9.48 6.18 22.44
C ALA A 342 8.71 7.23 21.67
N VAL A 343 7.75 6.81 20.86
CA VAL A 343 6.98 7.82 20.07
C VAL A 343 5.50 7.72 20.40
N GLY A 344 4.85 8.84 20.72
CA GLY A 344 3.39 8.76 20.95
C GLY A 344 3.08 8.81 22.41
N PRO A 345 1.78 8.77 22.77
CA PRO A 345 0.60 8.61 21.91
C PRO A 345 0.27 9.94 21.30
N PHE A 346 -0.43 9.94 20.15
CA PHE A 346 -0.88 11.16 19.49
C PHE A 346 0.29 12.00 19.00
N THR A 347 1.05 11.45 18.05
CA THR A 347 2.25 12.09 17.57
C THR A 347 2.18 12.06 16.08
N TYR A 348 2.69 13.14 15.47
CA TYR A 348 2.65 13.31 14.03
C TYR A 348 4.05 13.51 13.48
N LEU A 349 4.55 12.52 12.75
CA LEU A 349 5.86 12.57 12.08
C LEU A 349 5.68 12.91 10.56
N ARG A 350 6.18 14.07 10.19
CA ARG A 350 6.25 14.45 8.80
C ARG A 350 7.58 14.07 8.20
N PRO A 351 7.66 13.99 6.81
CA PRO A 351 8.89 13.57 6.12
C PRO A 351 10.13 14.24 6.67
N GLY A 352 11.25 13.51 6.74
CA GLY A 352 12.50 14.12 7.14
C GLY A 352 12.73 14.11 8.65
N THR A 353 11.89 13.41 9.41
CA THR A 353 12.13 13.24 10.83
C THR A 353 13.15 12.15 11.07
N ALA A 354 14.21 12.51 11.79
CA ALA A 354 15.16 11.50 12.24
C ALA A 354 15.31 11.52 13.76
N LEU A 355 14.70 10.57 14.43
CA LEU A 355 14.74 10.51 15.92
C LEU A 355 15.85 9.52 16.36
N GLY A 356 16.86 10.04 17.05
CA GLY A 356 17.95 9.13 17.47
C GLY A 356 17.50 8.05 18.46
N ALA A 357 18.41 7.09 18.71
CA ALA A 357 18.23 6.02 19.68
C ALA A 357 17.84 6.59 21.03
N ASP A 358 16.97 5.88 21.71
CA ASP A 358 16.49 6.30 23.03
C ASP A 358 15.87 7.69 23.03
N GLY A 359 15.56 8.25 21.86
CA GLY A 359 14.87 9.56 21.83
C GLY A 359 13.41 9.45 22.28
N LYS A 360 12.75 10.57 22.47
CA LYS A 360 11.33 10.48 22.81
C LYS A 360 10.56 11.56 22.06
N LEU A 361 9.49 11.24 21.32
CA LEU A 361 8.57 12.28 20.83
C LEU A 361 7.22 12.03 21.44
N GLY A 362 6.76 12.93 22.32
CA GLY A 362 5.64 12.60 23.21
C GLY A 362 4.28 13.02 22.68
N ALA A 363 3.30 13.25 23.55
CA ALA A 363 1.91 13.37 23.09
C ALA A 363 1.68 14.79 22.51
N PHE A 364 0.98 14.88 21.40
CA PHE A 364 0.74 16.21 20.78
C PHE A 364 2.02 16.90 20.34
N VAL A 365 2.92 16.11 19.75
CA VAL A 365 4.18 16.66 19.31
C VAL A 365 4.11 16.41 17.82
N GLU A 366 4.53 17.40 17.04
CA GLU A 366 4.60 17.20 15.59
C GLU A 366 6.04 17.54 15.16
N VAL A 367 6.63 16.65 14.34
CA VAL A 367 7.99 16.90 13.86
C VAL A 367 8.03 16.86 12.34
N LYS A 368 8.72 17.85 11.79
CA LYS A 368 8.95 17.87 10.36
C LYS A 368 10.42 18.13 10.04
N ASN A 369 11.00 17.35 9.13
CA ASN A 369 12.35 17.71 8.61
C ASN A 369 13.41 18.16 9.66
N SER A 370 13.59 17.32 10.65
CA SER A 370 14.39 17.68 11.80
C SER A 370 15.19 16.45 12.18
N THR A 371 16.38 16.65 12.67
CA THR A 371 17.18 15.55 13.20
C THR A 371 17.32 15.72 14.69
N ILE A 372 17.16 14.62 15.42
CA ILE A 372 17.04 14.74 16.86
C ILE A 372 17.93 13.70 17.53
N GLY A 373 18.97 14.18 18.23
CA GLY A 373 20.05 13.28 18.66
C GLY A 373 19.65 12.23 19.71
N THR A 374 20.55 11.27 19.89
CA THR A 374 20.47 10.25 20.91
C THR A 374 20.00 10.79 22.20
N GLY A 375 19.05 10.13 22.79
CA GLY A 375 18.67 10.45 24.16
C GLY A 375 17.83 11.71 24.31
N THR A 376 17.55 12.42 23.23
CA THR A 376 16.88 13.72 23.34
C THR A 376 15.34 13.54 23.38
N LYS A 377 14.70 14.37 24.20
CA LYS A 377 13.26 14.23 24.52
C LYS A 377 12.48 15.46 24.17
N VAL A 378 11.39 15.25 23.41
CA VAL A 378 10.41 16.35 23.12
C VAL A 378 9.09 15.81 23.63
N PRO A 379 8.86 15.88 24.95
CA PRO A 379 7.77 15.18 25.50
C PRO A 379 6.35 15.73 25.28
N HIS A 380 6.15 17.02 25.07
CA HIS A 380 4.74 17.48 25.06
C HIS A 380 4.41 18.63 24.16
N LEU A 381 3.29 18.53 23.43
CA LEU A 381 2.59 19.79 22.98
C LEU A 381 3.52 20.73 22.22
N THR A 382 4.27 20.16 21.31
CA THR A 382 5.30 20.97 20.73
C THR A 382 5.49 20.73 19.25
N TYR A 383 5.91 21.76 18.55
CA TYR A 383 6.17 21.60 17.12
C TYR A 383 7.64 21.78 16.83
N VAL A 384 8.22 20.76 16.24
CA VAL A 384 9.64 20.82 15.79
C VAL A 384 9.74 20.83 14.26
N GLY A 385 10.08 21.98 13.67
CA GLY A 385 10.28 22.16 12.23
C GLY A 385 11.69 22.62 11.83
N ASP A 386 12.32 21.91 10.91
CA ASP A 386 13.61 22.39 10.30
C ASP A 386 14.69 22.63 11.34
N ALA A 387 14.83 21.65 12.22
CA ALA A 387 15.76 21.84 13.35
C ALA A 387 16.77 20.76 13.41
N ASP A 388 17.93 21.09 13.95
CA ASP A 388 18.86 20.04 14.38
C ASP A 388 19.06 20.11 15.86
N ILE A 389 18.76 19.03 16.55
CA ILE A 389 18.90 19.05 17.97
C ILE A 389 19.88 17.96 18.40
N GLY A 390 20.85 18.29 19.26
CA GLY A 390 21.88 17.29 19.66
C GLY A 390 21.40 16.25 20.66
N GLU A 391 22.32 15.74 21.45
CA GLU A 391 22.07 14.56 22.25
C GLU A 391 21.74 14.93 23.64
N TYR A 392 20.97 14.05 24.27
CA TYR A 392 20.58 14.14 25.69
C TYR A 392 20.02 15.52 26.05
N SER A 393 19.30 16.13 25.11
CA SER A 393 18.74 17.45 25.37
C SER A 393 17.26 17.31 25.74
N ASN A 394 16.68 18.33 26.35
CA ASN A 394 15.27 18.21 26.69
C ASN A 394 14.55 19.46 26.24
N ILE A 395 13.46 19.29 25.48
CA ILE A 395 12.76 20.46 24.93
C ILE A 395 11.50 20.63 25.75
N GLY A 396 11.34 21.75 26.45
CA GLY A 396 10.18 21.72 27.34
C GLY A 396 8.82 21.78 26.63
N ALA A 397 7.77 21.49 27.37
CA ALA A 397 6.42 21.41 26.93
C ALA A 397 5.97 22.66 26.24
N SER A 398 5.14 22.44 25.26
CA SER A 398 4.44 23.61 24.67
C SER A 398 5.37 24.61 24.00
N SER A 399 6.33 24.12 23.23
CA SER A 399 7.35 24.92 22.58
C SER A 399 7.17 24.89 21.06
N VAL A 400 7.73 25.89 20.38
CA VAL A 400 7.63 25.87 18.91
C VAL A 400 8.98 26.24 18.26
N PHE A 401 9.42 25.45 17.29
CA PHE A 401 10.55 25.88 16.46
C PHE A 401 9.94 26.70 15.31
N VAL A 402 10.03 28.03 15.42
CA VAL A 402 9.39 28.93 14.51
C VAL A 402 10.29 28.98 13.28
N ASN A 403 9.91 28.21 12.28
CA ASN A 403 10.77 27.98 11.15
C ASN A 403 10.32 28.78 9.94
N TYR A 404 9.36 29.66 10.13
CA TYR A 404 8.85 30.37 8.97
C TYR A 404 8.53 31.81 9.33
N ASP A 405 9.28 32.77 8.77
CA ASP A 405 9.16 34.21 9.21
C ASP A 405 8.02 35.04 8.57
N GLY A 406 7.08 34.35 7.89
CA GLY A 406 6.32 34.96 6.78
C GLY A 406 7.31 35.11 5.61
N THR A 407 6.93 34.74 4.39
CA THR A 407 7.87 34.83 3.23
C THR A 407 8.99 33.72 3.11
N SER A 408 9.77 33.42 4.15
CA SER A 408 10.78 32.28 4.07
C SER A 408 11.04 31.26 5.23
N LYS A 409 11.55 30.10 4.80
CA LYS A 409 12.03 28.99 5.62
C LYS A 409 13.39 29.19 6.35
N ARG A 410 13.37 29.12 7.69
CA ARG A 410 14.59 29.36 8.52
C ARG A 410 14.94 28.15 9.43
N ARG A 411 16.25 27.90 9.62
CA ARG A 411 16.80 26.79 10.43
C ARG A 411 17.26 27.16 11.89
N THR A 412 17.04 26.22 12.81
CA THR A 412 17.47 26.28 14.21
C THR A 412 18.44 25.18 14.56
N THR A 413 19.46 25.52 15.32
CA THR A 413 20.38 24.48 15.82
C THR A 413 20.36 24.49 17.35
N VAL A 414 20.06 23.32 17.94
CA VAL A 414 20.11 23.19 19.37
C VAL A 414 21.21 22.21 19.78
N GLY A 415 22.12 22.65 20.68
CA GLY A 415 23.20 21.71 21.15
C GLY A 415 22.75 20.51 21.95
N SER A 416 23.71 19.92 22.63
CA SER A 416 23.56 18.69 23.40
C SER A 416 23.46 19.02 24.89
N HIS A 417 22.80 18.16 25.64
CA HIS A 417 22.51 18.39 27.06
C HIS A 417 21.76 19.72 27.33
N VAL A 418 21.06 20.27 26.33
CA VAL A 418 20.38 21.51 26.56
C VAL A 418 19.09 21.28 27.40
N ARG A 419 18.66 22.24 28.21
CA ARG A 419 17.29 22.15 28.78
C ARG A 419 16.44 23.33 28.46
N THR A 420 15.55 23.21 27.49
CA THR A 420 14.87 24.46 27.16
C THR A 420 13.58 24.55 27.95
N GLY A 421 13.26 25.70 28.48
CA GLY A 421 12.08 25.76 29.34
C GLY A 421 10.75 25.63 28.59
N SER A 422 9.69 25.29 29.31
CA SER A 422 8.37 25.23 28.70
C SER A 422 8.04 26.52 27.94
N ASP A 423 7.19 26.39 26.91
CA ASP A 423 6.68 27.56 26.23
C ASP A 423 7.82 28.47 25.71
N THR A 424 8.87 27.87 25.15
CA THR A 424 9.91 28.63 24.43
C THR A 424 9.59 28.66 22.96
N MET A 425 9.74 29.82 22.34
CA MET A 425 9.59 29.96 20.91
C MET A 425 11.00 30.13 20.37
N PHE A 426 11.41 29.23 19.49
CA PHE A 426 12.78 29.35 18.88
C PHE A 426 12.61 30.10 17.54
N VAL A 427 12.90 31.38 17.51
CA VAL A 427 12.56 32.16 16.30
C VAL A 427 13.78 32.07 15.35
N ALA A 428 13.79 31.07 14.45
CA ALA A 428 14.93 30.78 13.64
C ALA A 428 15.28 31.99 12.74
N PRO A 429 16.56 32.11 12.30
CA PRO A 429 17.59 31.14 12.64
C PRO A 429 18.22 31.54 13.99
N VAL A 430 18.43 30.54 14.83
CA VAL A 430 19.01 30.77 16.13
C VAL A 430 19.79 29.51 16.52
N THR A 431 20.86 29.62 17.30
CA THR A 431 21.64 28.46 17.79
C THR A 431 21.64 28.48 19.33
N ILE A 432 21.33 27.33 19.93
CA ILE A 432 21.32 27.26 21.39
C ILE A 432 22.53 26.42 21.78
N GLY A 433 23.52 27.03 22.43
CA GLY A 433 24.76 26.26 22.74
C GLY A 433 24.58 25.10 23.71
N ASP A 434 25.51 24.15 23.68
CA ASP A 434 25.56 23.05 24.61
C ASP A 434 25.30 23.44 26.06
N GLY A 435 24.48 22.64 26.71
CA GLY A 435 24.25 22.85 28.14
C GLY A 435 23.47 24.12 28.45
N ALA A 436 23.05 24.87 27.43
CA ALA A 436 22.24 26.05 27.72
C ALA A 436 20.82 25.70 28.36
N TYR A 437 20.21 26.67 29.02
CA TYR A 437 18.80 26.56 29.45
C TYR A 437 18.07 27.76 28.87
N THR A 438 16.75 27.62 28.73
CA THR A 438 15.87 28.75 28.43
C THR A 438 14.67 28.74 29.37
N GLY A 439 14.51 29.79 30.18
CA GLY A 439 13.44 29.87 31.13
C GLY A 439 12.09 29.58 30.52
N ALA A 440 11.12 29.16 31.34
CA ALA A 440 9.74 29.02 30.83
C ALA A 440 9.28 30.34 30.23
N GLY A 441 8.52 30.26 29.16
CA GLY A 441 7.97 31.50 28.56
C GLY A 441 8.93 32.40 27.78
N THR A 442 10.01 31.85 27.25
CA THR A 442 11.00 32.66 26.55
C THR A 442 10.78 32.70 25.00
N VAL A 443 10.96 33.87 24.44
CA VAL A 443 10.96 34.00 22.99
C VAL A 443 12.40 34.20 22.62
N VAL A 444 12.98 33.18 22.01
CA VAL A 444 14.40 33.20 21.75
C VAL A 444 14.58 33.72 20.32
N ARG A 445 15.09 34.96 20.23
CA ARG A 445 15.44 35.64 18.96
C ARG A 445 16.97 35.75 18.65
N GLU A 446 17.82 35.62 19.69
CA GLU A 446 19.29 35.66 19.54
C GLU A 446 19.89 34.34 19.95
N ASP A 447 21.03 34.03 19.40
CA ASP A 447 21.80 32.90 19.88
C ASP A 447 22.01 32.87 21.41
N VAL A 448 22.04 31.65 21.94
CA VAL A 448 22.28 31.45 23.35
C VAL A 448 23.63 30.72 23.53
N PRO A 449 24.64 31.37 24.15
CA PRO A 449 25.92 30.65 24.41
C PRO A 449 25.77 29.33 25.21
N PRO A 450 26.63 28.36 24.93
CA PRO A 450 26.73 27.22 25.85
C PRO A 450 26.63 27.64 27.31
N GLY A 451 25.92 26.84 28.10
CA GLY A 451 25.86 27.13 29.52
C GLY A 451 25.15 28.41 29.93
N ALA A 452 24.57 29.17 29.02
CA ALA A 452 23.86 30.40 29.44
C ALA A 452 22.38 30.13 29.79
N LEU A 453 21.74 30.99 30.59
CA LEU A 453 20.27 30.94 30.72
C LEU A 453 19.62 32.06 29.88
N ALA A 454 18.77 31.69 28.94
CA ALA A 454 18.04 32.73 28.19
C ALA A 454 16.66 32.92 28.75
N VAL A 455 16.28 34.16 29.07
CA VAL A 455 14.89 34.45 29.50
C VAL A 455 14.36 35.67 28.79
N SER A 456 13.02 35.87 28.77
CA SER A 456 12.44 37.12 28.31
C SER A 456 11.16 37.59 29.02
N ALA A 457 10.40 36.69 29.62
CA ALA A 457 9.17 37.08 30.31
C ALA A 457 9.43 38.14 31.33
N GLY A 458 8.52 39.09 31.51
CA GLY A 458 8.69 40.09 32.56
C GLY A 458 8.45 39.50 33.97
N PRO A 459 8.69 40.31 35.02
CA PRO A 459 8.50 39.81 36.40
C PRO A 459 7.02 39.50 36.67
N GLN A 460 6.75 38.48 37.47
CA GLN A 460 5.40 38.30 37.97
C GLN A 460 4.91 39.54 38.75
N ARG A 461 3.67 39.94 38.52
CA ARG A 461 3.08 41.01 39.31
C ARG A 461 1.74 40.47 39.87
N ASN A 462 1.61 40.40 41.19
CA ASN A 462 0.34 39.97 41.85
C ASN A 462 -0.45 41.22 42.17
N ILE A 463 -1.62 41.33 41.56
CA ILE A 463 -2.49 42.43 41.86
C ILE A 463 -3.52 41.93 42.86
N GLU A 464 -3.38 42.37 44.11
CA GLU A 464 -4.24 41.86 45.21
C GLU A 464 -5.62 42.43 45.13
N ASN A 465 -6.63 41.62 45.45
CA ASN A 465 -8.02 42.04 45.47
C ASN A 465 -8.58 42.31 44.10
N TRP A 466 -7.90 41.89 43.05
CA TRP A 466 -8.39 42.16 41.73
C TRP A 466 -9.71 41.45 41.53
N VAL A 467 -9.89 40.28 42.13
CA VAL A 467 -11.06 39.52 41.80
C VAL A 467 -12.34 40.11 42.43
N GLN A 468 -12.21 40.63 43.62
CA GLN A 468 -13.35 41.21 44.32
C GLN A 468 -13.78 42.47 43.59
N ARG A 469 -12.79 43.17 43.03
CA ARG A 469 -12.98 44.45 42.42
C ARG A 469 -13.37 44.41 40.94
N LYS A 470 -12.99 43.34 40.21
CA LYS A 470 -13.27 43.26 38.80
C LYS A 470 -14.22 42.09 38.52
N ARG A 471 -14.36 41.13 39.42
CA ARG A 471 -15.34 40.09 39.16
C ARG A 471 -16.23 39.87 40.41
N PRO A 472 -16.86 40.92 40.95
CA PRO A 472 -17.69 40.59 42.16
C PRO A 472 -19.08 40.18 41.80
N GLY A 473 -19.88 39.47 42.57
CA GLY A 473 -19.54 38.42 43.47
C GLY A 473 -19.76 37.21 42.51
N SER A 474 -18.83 37.07 41.58
CA SER A 474 -18.56 35.84 40.89
C SER A 474 -18.29 34.74 41.95
N PRO A 475 -18.44 33.47 41.56
CA PRO A 475 -18.00 32.31 42.39
C PRO A 475 -16.56 32.43 42.89
N ALA A 476 -15.69 32.99 42.04
CA ALA A 476 -14.31 33.29 42.40
C ALA A 476 -14.08 34.37 43.52
N ALA A 477 -14.79 35.50 43.41
CA ALA A 477 -14.86 36.52 44.46
C ALA A 477 -15.38 35.91 45.75
N GLN A 478 -16.43 35.10 45.68
CA GLN A 478 -16.93 34.47 46.91
C GLN A 478 -15.89 33.52 47.52
N ALA A 479 -15.26 32.67 46.69
CA ALA A 479 -14.28 31.71 47.22
C ALA A 479 -13.14 32.42 47.89
N SER A 480 -12.76 33.53 47.30
CA SER A 480 -11.63 34.32 47.71
C SER A 480 -11.92 35.06 49.04
N LYS A 481 -13.14 35.53 49.19
CA LYS A 481 -13.63 36.13 50.42
C LYS A 481 -13.66 35.07 51.54
N ARG A 482 -14.13 33.86 51.24
CA ARG A 482 -14.06 32.73 52.21
C ARG A 482 -12.63 32.45 52.67
N ALA A 483 -11.66 32.62 51.77
CA ALA A 483 -10.27 32.30 52.10
C ALA A 483 -9.68 33.28 53.11
N SER A 484 -10.06 34.55 53.10
CA SER A 484 -9.74 35.49 54.22
C SER A 484 -9.96 34.92 55.66
N GLU A 485 -11.05 34.16 55.82
CA GLU A 485 -11.45 33.46 57.05
C GLU A 485 -10.76 32.11 57.24
#